data_4A4R
#
_entry.id   4A4R
#
_cell.length_a   1.000
_cell.length_b   1.000
_cell.length_c   1.000
_cell.angle_alpha   90.00
_cell.angle_beta   90.00
_cell.angle_gamma   90.00
#
_symmetry.space_group_name_H-M   'P 1'
#
_entity_poly.entity_id   1
_entity_poly.type   'polyribonucleotide'
_entity_poly.pdbx_seq_one_letter_code
;(GMP)GACCCGGCUAACGCUGGGUCC
;
_entity_poly.pdbx_strand_id   A
#